data_9F94
#
_entry.id   9F94
#
_cell.length_a   56.269
_cell.length_b   56.269
_cell.length_c   156.465
_cell.angle_alpha   90.00
_cell.angle_beta   90.00
_cell.angle_gamma   120.00
#
_symmetry.space_group_name_H-M   'P 32 2 1'
#
loop_
_entity.id
_entity.type
_entity.pdbx_description
1 polymer 'Trans-2,3-dihydro-3-hydroxyanthranilate isomerase'
2 non-polymer 'FORMIC ACID'
3 non-polymer 'ACETATE ION'
4 non-polymer '2-azanyl-5-(3-hydroxyphenyl)benzoic acid'
5 water water
#
_entity_poly.entity_id   1
_entity_poly.type   'polypeptide(L)'
_entity_poly.pdbx_seq_one_letter_code
;MGSSHHHHHHSSGLVPRGSHMHNYVIIDAFASVPLEGNPVAVFFDADDLPPAQMQRIAREMNLSESTFVLKPRNGGDALI
RIFTPVNELPFAGHPLLGTAIALGAHTDNHRLYLETQMGTIAFELERQNGSVIAASMDQPIPTWTALGRDAELLKALGIS
DSTFPIEIYHNGPRHVFVGLPSIDALSALHPDHRALSNFHDMAINCFAGAGRRWRSRMFSPAYGVVEDAATGSAAGPLAI
HLARHGQIEFGQPVEILQGVEIGRPSLMFAKAEGRAEQLTRVEVSGNGVTFGRGTIVL
;
_entity_poly.pdbx_strand_id   A
#
loop_
_chem_comp.id
_chem_comp.type
_chem_comp.name
_chem_comp.formula
A1IAY non-polymer '2-azanyl-5-(3-hydroxyphenyl)benzoic acid' 'C13 H11 N O3'
ACT non-polymer 'ACETATE ION' 'C2 H3 O2 -1'
FMT non-polymer 'FORMIC ACID' 'C H2 O2'
#
# COMPACT_ATOMS: atom_id res chain seq x y z
N HIS A 20 7.80 -2.86 -28.96
N HIS A 20 7.44 -3.48 -28.93
CA HIS A 20 8.86 -1.99 -29.54
CA HIS A 20 8.37 -2.33 -29.15
C HIS A 20 9.26 -0.93 -28.52
C HIS A 20 8.46 -1.44 -27.90
N MET A 21 8.30 -0.13 -28.05
CA MET A 21 8.54 0.80 -26.96
C MET A 21 7.36 0.78 -26.00
N HIS A 22 7.59 1.28 -24.77
CA HIS A 22 6.51 1.42 -23.81
C HIS A 22 6.59 2.75 -23.10
N ASN A 23 5.43 3.38 -22.96
CA ASN A 23 5.30 4.55 -22.11
C ASN A 23 5.10 4.13 -20.66
N TYR A 24 5.61 4.97 -19.77
CA TYR A 24 5.43 4.77 -18.34
C TYR A 24 5.23 6.10 -17.65
N VAL A 25 4.69 6.04 -16.45
CA VAL A 25 4.65 7.19 -15.57
CA VAL A 25 4.59 7.18 -15.56
C VAL A 25 5.12 6.76 -14.19
N ILE A 26 5.66 7.72 -13.46
CA ILE A 26 6.04 7.53 -12.07
CA ILE A 26 6.05 7.53 -12.07
C ILE A 26 5.03 8.29 -11.23
N ILE A 27 4.28 7.57 -10.40
CA ILE A 27 3.27 8.15 -9.53
C ILE A 27 3.80 8.09 -8.10
N ASP A 28 3.71 9.20 -7.39
CA ASP A 28 3.92 9.22 -5.95
C ASP A 28 2.56 8.96 -5.30
N ALA A 29 2.40 7.76 -4.76
CA ALA A 29 1.13 7.33 -4.18
C ALA A 29 1.04 7.81 -2.74
N PHE A 30 -0.18 8.13 -2.33
CA PHE A 30 -0.47 8.65 -0.99
C PHE A 30 0.15 10.02 -0.78
N ALA A 31 0.23 10.81 -1.85
CA ALA A 31 0.74 12.15 -1.79
C ALA A 31 0.01 13.00 -2.83
N SER A 32 -0.10 14.29 -2.56
CA SER A 32 -0.56 15.23 -3.58
C SER A 32 0.56 16.11 -4.10
N VAL A 33 1.75 16.00 -3.53
CA VAL A 33 2.91 16.82 -3.87
C VAL A 33 4.01 15.88 -4.34
N PRO A 34 4.66 16.14 -5.48
N PRO A 34 4.68 16.16 -5.46
CA PRO A 34 5.76 15.27 -5.91
CA PRO A 34 5.76 15.27 -5.90
C PRO A 34 6.88 15.26 -4.87
C PRO A 34 6.89 15.26 -4.89
N LEU A 35 7.56 14.12 -4.79
CA LEU A 35 8.64 13.84 -3.84
C LEU A 35 8.12 13.55 -2.43
N GLU A 36 6.82 13.48 -2.23
CA GLU A 36 6.20 12.93 -1.04
C GLU A 36 5.57 11.58 -1.40
N GLY A 37 5.00 10.91 -0.41
CA GLY A 37 4.42 9.62 -0.74
C GLY A 37 5.44 8.57 -1.14
N ASN A 38 4.97 7.57 -1.86
CA ASN A 38 5.76 6.37 -2.16
C ASN A 38 5.68 6.09 -3.65
N PRO A 39 6.80 6.12 -4.36
CA PRO A 39 6.75 5.97 -5.83
C PRO A 39 6.39 4.58 -6.32
N VAL A 40 5.75 4.55 -7.49
CA VAL A 40 5.56 3.34 -8.28
C VAL A 40 5.68 3.72 -9.76
N ALA A 41 6.33 2.89 -10.55
CA ALA A 41 6.37 3.05 -12.00
C ALA A 41 5.26 2.22 -12.61
N VAL A 42 4.52 2.81 -13.53
CA VAL A 42 3.39 2.15 -14.19
C VAL A 42 3.67 2.12 -15.69
N PHE A 43 3.72 0.91 -16.26
CA PHE A 43 3.99 0.69 -17.68
C PHE A 43 2.71 0.32 -18.42
N PHE A 44 2.40 1.07 -19.48
CA PHE A 44 1.18 0.88 -20.26
C PHE A 44 1.39 -0.06 -21.43
N ASP A 45 0.29 -0.66 -21.89
CA ASP A 45 0.28 -1.44 -23.12
C ASP A 45 1.31 -2.57 -23.08
N ALA A 46 1.31 -3.33 -21.99
CA ALA A 46 2.38 -4.25 -21.69
C ALA A 46 2.15 -5.67 -22.20
N ASP A 47 1.11 -5.88 -23.02
CA ASP A 47 0.74 -7.24 -23.45
C ASP A 47 1.82 -7.94 -24.26
N ASP A 48 2.72 -7.19 -24.88
CA ASP A 48 3.79 -7.78 -25.67
C ASP A 48 4.99 -8.20 -24.84
N LEU A 49 5.00 -7.91 -23.53
CA LEU A 49 6.14 -8.21 -22.67
C LEU A 49 5.91 -9.53 -21.96
N PRO A 50 6.76 -10.54 -22.14
CA PRO A 50 6.65 -11.72 -21.31
C PRO A 50 6.97 -11.39 -19.86
N PRO A 51 6.45 -12.18 -18.92
CA PRO A 51 6.72 -11.86 -17.51
C PRO A 51 8.20 -11.79 -17.15
N ALA A 52 9.05 -12.60 -17.78
CA ALA A 52 10.47 -12.53 -17.49
C ALA A 52 11.01 -11.14 -17.86
N GLN A 53 10.49 -10.56 -18.93
CA GLN A 53 10.92 -9.23 -19.33
C GLN A 53 10.36 -8.15 -18.40
N MET A 54 9.11 -8.31 -17.96
CA MET A 54 8.57 -7.40 -16.96
C MET A 54 9.44 -7.39 -15.72
N GLN A 55 9.88 -8.57 -15.29
CA GLN A 55 10.72 -8.65 -14.10
C GLN A 55 12.05 -7.93 -14.32
N ARG A 56 12.64 -8.09 -15.51
CA ARG A 56 13.90 -7.41 -15.79
C ARG A 56 13.72 -5.90 -15.82
N ILE A 57 12.59 -5.43 -16.36
CA ILE A 57 12.31 -4.00 -16.37
C ILE A 57 12.12 -3.48 -14.95
N ALA A 58 11.39 -4.22 -14.11
CA ALA A 58 11.23 -3.78 -12.73
C ALA A 58 12.58 -3.71 -12.03
N ARG A 59 13.48 -4.66 -12.34
CA ARG A 59 14.81 -4.63 -11.78
C ARG A 59 15.60 -3.41 -12.26
N GLU A 60 15.50 -3.10 -13.56
CA GLU A 60 16.14 -1.91 -14.12
C GLU A 60 15.69 -0.65 -13.41
N MET A 61 14.38 -0.51 -13.19
CA MET A 61 13.84 0.70 -12.58
C MET A 61 14.24 0.81 -11.11
N ASN A 62 14.33 -0.32 -10.41
CA ASN A 62 14.72 -0.40 -9.01
C ASN A 62 13.78 0.33 -8.06
N LEU A 63 12.58 0.70 -8.49
CA LEU A 63 11.60 1.23 -7.55
C LEU A 63 11.00 0.07 -6.76
N SER A 64 10.43 0.39 -5.60
CA SER A 64 9.86 -0.66 -4.77
CA SER A 64 9.79 -0.62 -4.76
C SER A 64 8.94 -1.57 -5.58
N GLU A 65 8.16 -0.99 -6.50
CA GLU A 65 7.42 -1.78 -7.44
C GLU A 65 7.31 -1.04 -8.77
N SER A 66 7.27 -1.83 -9.84
CA SER A 66 6.79 -1.43 -11.15
C SER A 66 5.57 -2.28 -11.47
N THR A 67 4.57 -1.66 -12.08
CA THR A 67 3.38 -2.39 -12.50
C THR A 67 3.23 -2.30 -14.01
N PHE A 68 2.49 -3.28 -14.53
CA PHE A 68 2.32 -3.48 -15.96
C PHE A 68 0.83 -3.65 -16.25
N VAL A 69 0.34 -2.89 -17.22
CA VAL A 69 -1.09 -2.84 -17.53
C VAL A 69 -1.33 -3.75 -18.73
N LEU A 70 -2.20 -4.73 -18.54
CA LEU A 70 -2.49 -5.75 -19.53
CA LEU A 70 -2.49 -5.75 -19.53
C LEU A 70 -3.98 -5.79 -19.81
N LYS A 71 -4.34 -6.39 -20.94
CA LYS A 71 -5.74 -6.60 -21.25
C LYS A 71 -6.39 -7.51 -20.21
N PRO A 72 -7.65 -7.27 -19.89
CA PRO A 72 -8.31 -8.08 -18.86
C PRO A 72 -8.63 -9.48 -19.37
N ARG A 73 -8.73 -10.42 -18.42
CA ARG A 73 -9.05 -11.79 -18.73
C ARG A 73 -10.32 -12.30 -18.08
N ASN A 74 -10.92 -11.52 -17.17
CA ASN A 74 -12.08 -11.96 -16.41
C ASN A 74 -13.09 -10.83 -16.21
N GLY A 75 -13.29 -10.01 -17.22
CA GLY A 75 -14.35 -9.05 -17.21
C GLY A 75 -14.03 -7.72 -16.56
N GLY A 76 -12.82 -7.51 -16.06
CA GLY A 76 -12.44 -6.23 -15.53
C GLY A 76 -12.03 -5.26 -16.62
N ASP A 77 -11.49 -4.12 -16.20
CA ASP A 77 -11.03 -3.12 -17.15
C ASP A 77 -9.61 -3.38 -17.62
N ALA A 78 -8.79 -3.95 -16.76
CA ALA A 78 -7.40 -4.23 -17.08
C ALA A 78 -6.92 -5.24 -16.07
N LEU A 79 -5.86 -5.96 -16.44
CA LEU A 79 -5.15 -6.86 -15.55
C LEU A 79 -3.83 -6.19 -15.20
N ILE A 80 -3.51 -6.13 -13.92
CA ILE A 80 -2.29 -5.50 -13.46
C ILE A 80 -1.36 -6.56 -12.90
N ARG A 81 -0.12 -6.56 -13.36
CA ARG A 81 0.94 -7.37 -12.75
C ARG A 81 1.91 -6.46 -12.03
N ILE A 82 2.31 -6.91 -10.83
CA ILE A 82 3.04 -6.09 -9.86
C ILE A 82 4.38 -6.77 -9.60
N PHE A 83 5.47 -6.04 -9.82
CA PHE A 83 6.80 -6.61 -9.61
C PHE A 83 7.65 -5.72 -8.71
N THR A 84 8.28 -6.32 -7.72
CA THR A 84 9.41 -5.67 -7.08
C THR A 84 10.62 -5.88 -7.98
N PRO A 85 11.79 -5.35 -7.63
CA PRO A 85 12.98 -5.61 -8.43
C PRO A 85 13.36 -7.09 -8.48
N VAL A 86 12.80 -7.94 -7.62
CA VAL A 86 13.20 -9.33 -7.46
CA VAL A 86 13.23 -9.33 -7.58
C VAL A 86 12.09 -10.33 -7.75
N ASN A 87 10.83 -9.98 -7.47
CA ASN A 87 9.78 -10.98 -7.61
C ASN A 87 8.44 -10.34 -7.94
N GLU A 88 7.53 -11.16 -8.45
CA GLU A 88 6.16 -10.73 -8.66
C GLU A 88 5.38 -10.83 -7.36
N LEU A 89 4.48 -9.85 -7.14
CA LEU A 89 3.63 -9.88 -5.97
C LEU A 89 2.18 -10.11 -6.37
N PRO A 90 1.42 -10.87 -5.60
CA PRO A 90 0.01 -11.06 -5.93
C PRO A 90 -0.88 -9.88 -5.57
N PHE A 91 -0.45 -9.01 -4.65
CA PHE A 91 -1.20 -7.87 -4.16
C PHE A 91 -0.19 -6.90 -3.58
N ALA A 92 -0.48 -5.59 -3.70
CA ALA A 92 0.30 -4.57 -3.01
C ALA A 92 -0.53 -3.29 -2.99
N GLY A 93 -0.42 -2.52 -1.90
CA GLY A 93 -1.28 -1.38 -1.68
C GLY A 93 -0.95 -0.14 -2.49
N HIS A 94 0.15 0.54 -2.16
CA HIS A 94 0.49 1.75 -2.90
C HIS A 94 0.73 1.50 -4.38
N PRO A 95 1.26 0.35 -4.82
CA PRO A 95 1.43 0.17 -6.26
C PRO A 95 0.11 0.13 -7.01
N LEU A 96 -0.92 -0.49 -6.41
CA LEU A 96 -2.21 -0.57 -7.08
C LEU A 96 -2.92 0.78 -7.05
N LEU A 97 -2.85 1.50 -5.93
CA LEU A 97 -3.39 2.85 -5.90
C LEU A 97 -2.77 3.70 -6.99
N GLY A 98 -1.44 3.68 -7.09
CA GLY A 98 -0.76 4.49 -8.09
C GLY A 98 -1.14 4.08 -9.49
N THR A 99 -1.30 2.77 -9.72
CA THR A 99 -1.71 2.29 -11.04
C THR A 99 -3.09 2.81 -11.42
N ALA A 100 -4.03 2.75 -10.47
CA ALA A 100 -5.38 3.24 -10.76
C ALA A 100 -5.35 4.73 -11.10
N ILE A 101 -4.57 5.50 -10.35
CA ILE A 101 -4.48 6.93 -10.60
C ILE A 101 -3.84 7.20 -11.96
N ALA A 102 -2.78 6.45 -12.30
CA ALA A 102 -2.15 6.60 -13.60
C ALA A 102 -3.09 6.25 -14.74
N LEU A 103 -3.84 5.16 -14.61
CA LEU A 103 -4.75 4.76 -15.67
CA LEU A 103 -4.75 4.74 -15.67
C LEU A 103 -5.91 5.71 -15.81
N GLY A 104 -6.24 6.45 -14.76
CA GLY A 104 -7.32 7.41 -14.87
C GLY A 104 -7.07 8.44 -15.93
N ALA A 105 -5.81 8.66 -16.30
CA ALA A 105 -5.48 9.57 -17.38
C ALA A 105 -5.94 9.06 -18.74
N HIS A 106 -6.32 7.79 -18.85
CA HIS A 106 -6.62 7.14 -20.12
C HIS A 106 -8.04 6.57 -20.19
N THR A 107 -8.87 6.91 -19.21
CA THR A 107 -10.26 6.51 -19.24
C THR A 107 -11.10 7.65 -18.66
N ASP A 108 -12.38 7.66 -19.02
CA ASP A 108 -13.34 8.56 -18.41
C ASP A 108 -14.16 7.88 -17.31
N ASN A 109 -13.95 6.59 -17.10
CA ASN A 109 -14.80 5.84 -16.19
C ASN A 109 -14.65 6.33 -14.76
N HIS A 110 -15.77 6.33 -14.03
CA HIS A 110 -15.77 6.76 -12.63
CA HIS A 110 -15.72 6.77 -12.65
C HIS A 110 -15.12 5.71 -11.74
N ARG A 111 -15.31 4.44 -12.07
CA ARG A 111 -14.80 3.31 -11.31
C ARG A 111 -13.92 2.51 -12.24
N LEU A 112 -12.90 1.87 -11.67
CA LEU A 112 -11.97 1.03 -12.40
CA LEU A 112 -11.99 1.03 -12.42
C LEU A 112 -11.92 -0.32 -11.72
N TYR A 113 -12.04 -1.38 -12.50
CA TYR A 113 -11.96 -2.73 -11.97
C TYR A 113 -10.66 -3.35 -12.46
N LEU A 114 -9.71 -3.51 -11.54
CA LEU A 114 -8.37 -3.97 -11.90
C LEU A 114 -8.21 -5.42 -11.43
N GLU A 115 -7.99 -6.30 -12.39
CA GLU A 115 -7.73 -7.70 -12.09
C GLU A 115 -6.31 -7.85 -11.56
N THR A 116 -6.17 -8.73 -10.57
CA THR A 116 -4.89 -9.06 -9.96
C THR A 116 -4.87 -10.57 -9.72
N GLN A 117 -3.73 -11.04 -9.23
CA GLN A 117 -3.65 -12.46 -8.91
C GLN A 117 -4.66 -12.86 -7.85
N MET A 118 -5.07 -11.93 -6.98
N MET A 118 -5.07 -11.91 -7.01
CA MET A 118 -6.03 -12.29 -5.95
CA MET A 118 -6.00 -12.17 -5.91
C MET A 118 -7.47 -12.24 -6.45
C MET A 118 -7.43 -11.76 -6.24
N GLY A 119 -7.72 -11.52 -7.50
CA GLY A 119 -9.06 -11.24 -7.93
C GLY A 119 -9.16 -9.80 -8.38
N THR A 120 -10.39 -9.37 -8.63
CA THR A 120 -10.63 -8.05 -9.18
C THR A 120 -10.88 -7.08 -8.04
N ILE A 121 -10.17 -5.96 -8.07
N ILE A 121 -10.15 -5.97 -8.07
CA ILE A 121 -10.28 -4.93 -7.05
CA ILE A 121 -10.20 -4.92 -7.07
C ILE A 121 -10.94 -3.72 -7.67
C ILE A 121 -10.93 -3.73 -7.68
N ALA A 122 -11.93 -3.20 -6.97
CA ALA A 122 -12.67 -2.04 -7.43
C ALA A 122 -12.01 -0.78 -6.90
N PHE A 123 -11.84 0.19 -7.79
CA PHE A 123 -11.31 1.49 -7.44
C PHE A 123 -12.33 2.56 -7.82
N GLU A 124 -12.53 3.51 -6.93
CA GLU A 124 -13.28 4.72 -7.24
CA GLU A 124 -13.28 4.72 -7.25
C GLU A 124 -12.27 5.83 -7.52
N LEU A 125 -12.39 6.46 -8.69
CA LEU A 125 -11.47 7.51 -9.11
C LEU A 125 -12.06 8.88 -8.83
N GLU A 126 -11.27 9.78 -8.28
CA GLU A 126 -11.69 11.13 -7.96
C GLU A 126 -10.93 12.10 -8.84
N ARG A 127 -11.67 12.91 -9.60
CA ARG A 127 -11.08 13.79 -10.61
C ARG A 127 -11.38 15.24 -10.32
N GLN A 128 -10.52 16.11 -10.85
CA GLN A 128 -10.81 17.53 -11.01
C GLN A 128 -10.39 17.90 -12.42
N ASN A 129 -11.34 18.39 -13.21
CA ASN A 129 -11.07 18.80 -14.60
C ASN A 129 -10.31 17.72 -15.37
N GLY A 130 -10.75 16.47 -15.20
CA GLY A 130 -10.25 15.36 -15.97
C GLY A 130 -9.01 14.70 -15.41
N SER A 131 -8.35 15.31 -14.45
CA SER A 131 -7.16 14.74 -13.83
C SER A 131 -7.58 13.95 -12.60
N VAL A 132 -7.14 12.69 -12.52
CA VAL A 132 -7.39 11.87 -11.34
C VAL A 132 -6.41 12.30 -10.26
N ILE A 133 -6.94 12.83 -9.16
CA ILE A 133 -6.12 13.28 -8.04
C ILE A 133 -6.09 12.31 -6.86
N ALA A 134 -7.01 11.35 -6.81
CA ALA A 134 -7.08 10.44 -5.67
C ALA A 134 -7.91 9.24 -6.09
N ALA A 135 -7.81 8.17 -5.29
CA ALA A 135 -8.64 7.01 -5.55
C ALA A 135 -8.86 6.27 -4.24
N SER A 136 -9.92 5.47 -4.21
CA SER A 136 -10.23 4.58 -3.11
CA SER A 136 -10.21 4.58 -3.11
CA SER A 136 -10.24 4.58 -3.10
C SER A 136 -10.29 3.16 -3.64
N MET A 137 -9.79 2.20 -2.87
CA MET A 137 -9.79 0.82 -3.29
CA MET A 137 -9.74 0.80 -3.27
C MET A 137 -10.37 -0.07 -2.20
N ASP A 138 -11.11 -1.08 -2.62
N ASP A 138 -10.98 -1.20 -2.60
CA ASP A 138 -11.35 -2.21 -1.75
CA ASP A 138 -11.49 -2.20 -1.67
C ASP A 138 -10.04 -2.94 -1.55
C ASP A 138 -10.52 -3.38 -1.57
N GLN A 139 -9.93 -3.58 -0.40
CA GLN A 139 -8.81 -4.47 -0.16
C GLN A 139 -9.26 -5.87 0.22
N PRO A 140 -8.40 -6.87 0.01
N PRO A 140 -8.39 -6.87 0.03
CA PRO A 140 -8.65 -8.20 0.60
CA PRO A 140 -8.63 -8.18 0.62
C PRO A 140 -8.89 -8.07 2.10
C PRO A 140 -8.89 -8.06 2.11
N ILE A 141 -9.82 -8.87 2.61
CA ILE A 141 -10.13 -8.88 4.04
C ILE A 141 -9.03 -9.65 4.76
N PRO A 142 -8.33 -9.04 5.72
N PRO A 142 -8.32 -9.05 5.72
CA PRO A 142 -7.22 -9.73 6.38
CA PRO A 142 -7.22 -9.78 6.35
C PRO A 142 -7.70 -10.81 7.36
C PRO A 142 -7.68 -10.79 7.37
N THR A 143 -6.75 -11.68 7.71
CA THR A 143 -6.81 -12.57 8.86
C THR A 143 -5.70 -12.13 9.82
N TRP A 144 -5.74 -12.62 11.07
CA TRP A 144 -4.79 -12.12 12.07
C TRP A 144 -4.67 -13.13 13.20
N THR A 145 -3.57 -13.00 13.94
CA THR A 145 -3.33 -13.77 15.16
C THR A 145 -2.22 -13.06 15.94
N ALA A 146 -2.01 -13.49 17.18
CA ALA A 146 -0.88 -12.97 17.95
C ALA A 146 0.44 -13.39 17.29
N LEU A 147 1.41 -12.49 17.30
CA LEU A 147 2.72 -12.82 16.76
C LEU A 147 3.44 -13.87 17.61
N GLY A 148 3.41 -13.70 18.93
CA GLY A 148 4.03 -14.66 19.82
C GLY A 148 5.53 -14.57 19.92
N ARG A 149 6.10 -13.43 19.55
CA ARG A 149 7.54 -13.17 19.61
C ARG A 149 7.78 -11.81 20.20
N ASP A 150 7.01 -11.46 21.23
CA ASP A 150 6.97 -10.07 21.67
C ASP A 150 8.31 -9.60 22.22
N ALA A 151 8.91 -10.37 23.12
CA ALA A 151 10.15 -9.90 23.74
C ALA A 151 11.23 -9.68 22.69
N GLU A 152 11.34 -10.61 21.74
CA GLU A 152 12.33 -10.47 20.68
C GLU A 152 12.07 -9.22 19.83
N LEU A 153 10.81 -9.00 19.44
CA LEU A 153 10.52 -7.86 18.59
C LEU A 153 10.70 -6.55 19.33
N LEU A 154 10.23 -6.47 20.57
CA LEU A 154 10.39 -5.26 21.36
C LEU A 154 11.87 -4.94 21.56
N LYS A 155 12.69 -5.96 21.84
CA LYS A 155 14.13 -5.71 21.97
C LYS A 155 14.70 -5.14 20.68
N ALA A 156 14.31 -5.70 19.53
CA ALA A 156 14.81 -5.20 18.25
C ALA A 156 14.39 -3.76 18.02
N LEU A 157 13.18 -3.39 18.44
CA LEU A 157 12.72 -2.03 18.28
C LEU A 157 13.32 -1.08 19.31
N GLY A 158 13.88 -1.62 20.40
CA GLY A 158 14.48 -0.81 21.44
C GLY A 158 13.53 -0.29 22.51
N ILE A 159 12.40 -0.95 22.72
CA ILE A 159 11.39 -0.51 23.68
C ILE A 159 11.02 -1.69 24.57
N SER A 160 10.35 -1.38 25.68
CA SER A 160 10.04 -2.39 26.68
C SER A 160 8.72 -3.11 26.43
N ASP A 161 7.73 -2.43 25.85
CA ASP A 161 6.37 -2.97 25.77
C ASP A 161 5.64 -2.25 24.66
N SER A 162 4.57 -2.89 24.17
CA SER A 162 3.61 -2.30 23.27
C SER A 162 2.44 -1.76 24.10
N THR A 163 1.70 -0.82 23.52
CA THR A 163 0.42 -0.41 24.10
C THR A 163 -0.61 -1.53 23.87
N PHE A 164 -0.96 -1.77 22.64
CA PHE A 164 -1.96 -2.76 22.25
C PHE A 164 -1.32 -4.10 21.89
N PRO A 165 -2.12 -5.17 21.83
CA PRO A 165 -1.55 -6.50 21.55
C PRO A 165 -0.76 -6.51 20.24
N ILE A 166 0.35 -7.25 20.25
CA ILE A 166 1.22 -7.38 19.10
C ILE A 166 0.66 -8.51 18.23
N GLU A 167 -0.05 -8.12 17.17
CA GLU A 167 -0.72 -9.07 16.29
C GLU A 167 -0.21 -8.88 14.86
N ILE A 168 -0.22 -9.99 14.14
CA ILE A 168 0.24 -10.08 12.75
C ILE A 168 -0.96 -10.38 11.86
N TYR A 169 -1.13 -9.55 10.84
CA TYR A 169 -2.23 -9.59 9.90
C TYR A 169 -1.73 -10.06 8.54
N HIS A 170 -2.57 -10.81 7.83
CA HIS A 170 -2.24 -11.34 6.52
C HIS A 170 -3.31 -10.92 5.53
N ASN A 171 -2.89 -10.26 4.44
CA ASN A 171 -3.77 -9.91 3.34
C ASN A 171 -3.03 -10.03 2.02
N GLY A 172 -2.09 -10.97 1.95
CA GLY A 172 -1.10 -11.02 0.91
C GLY A 172 0.23 -10.96 1.60
N PRO A 173 0.73 -9.74 1.81
CA PRO A 173 1.82 -9.54 2.78
C PRO A 173 1.35 -9.82 4.19
N ARG A 174 2.30 -9.82 5.12
CA ARG A 174 2.01 -9.91 6.54
C ARG A 174 2.53 -8.66 7.22
N HIS A 175 1.70 -8.12 8.11
CA HIS A 175 1.94 -6.85 8.79
C HIS A 175 1.73 -7.04 10.29
N VAL A 176 2.77 -6.78 11.06
CA VAL A 176 2.71 -6.77 12.53
C VAL A 176 2.50 -5.34 12.98
N PHE A 177 1.72 -5.16 14.06
CA PHE A 177 1.47 -3.84 14.61
C PHE A 177 1.93 -3.76 16.06
N VAL A 178 2.76 -2.75 16.34
CA VAL A 178 3.29 -2.46 17.66
C VAL A 178 2.92 -1.02 17.98
N GLY A 179 2.26 -0.82 19.12
CA GLY A 179 1.74 0.49 19.48
C GLY A 179 2.67 1.22 20.43
N LEU A 180 2.82 2.52 20.20
CA LEU A 180 3.63 3.41 20.99
C LEU A 180 2.74 4.40 21.73
N PRO A 181 3.20 4.89 22.90
CA PRO A 181 2.32 5.68 23.77
C PRO A 181 2.15 7.12 23.35
N SER A 182 2.91 7.60 22.37
CA SER A 182 2.80 8.97 21.89
C SER A 182 3.49 9.05 20.53
N ILE A 183 3.13 10.09 19.78
CA ILE A 183 3.79 10.30 18.49
C ILE A 183 5.26 10.58 18.69
N ASP A 184 5.62 11.32 19.73
CA ASP A 184 7.04 11.58 19.97
C ASP A 184 7.80 10.28 20.24
N ALA A 185 7.18 9.34 20.97
CA ALA A 185 7.84 8.06 21.22
C ALA A 185 8.02 7.27 19.92
N LEU A 186 7.04 7.36 19.02
CA LEU A 186 7.17 6.72 17.72
C LEU A 186 8.33 7.31 16.93
N SER A 187 8.45 8.64 16.92
CA SER A 187 9.52 9.28 16.18
C SER A 187 10.89 8.95 16.77
N ALA A 188 10.94 8.67 18.07
CA ALA A 188 12.20 8.39 18.74
C ALA A 188 12.72 6.99 18.45
N LEU A 189 11.91 6.10 17.88
CA LEU A 189 12.39 4.76 17.63
C LEU A 189 13.60 4.77 16.72
N HIS A 190 14.59 3.95 17.07
CA HIS A 190 15.78 3.70 16.26
C HIS A 190 15.99 2.20 16.28
N PRO A 191 15.27 1.45 15.45
CA PRO A 191 15.34 -0.01 15.52
C PRO A 191 16.71 -0.56 15.14
N ASP A 192 16.99 -1.75 15.66
CA ASP A 192 18.14 -2.56 15.27
C ASP A 192 17.70 -3.37 14.05
N HIS A 193 18.06 -2.88 12.87
CA HIS A 193 17.61 -3.52 11.63
C HIS A 193 18.20 -4.91 11.47
N ARG A 194 19.41 -5.16 11.99
CA ARG A 194 19.94 -6.53 11.98
C ARG A 194 19.03 -7.46 12.77
N ALA A 195 18.62 -7.03 13.96
CA ALA A 195 17.70 -7.84 14.76
C ALA A 195 16.34 -8.00 14.06
N LEU A 196 15.84 -6.95 13.42
CA LEU A 196 14.58 -7.08 12.71
C LEU A 196 14.66 -8.08 11.56
N SER A 197 15.86 -8.33 11.03
CA SER A 197 15.95 -9.24 9.90
C SER A 197 15.65 -10.68 10.28
N ASN A 198 15.56 -11.01 11.57
CA ASN A 198 15.12 -12.34 11.98
C ASN A 198 13.61 -12.52 11.88
N PHE A 199 12.87 -11.47 11.48
CA PHE A 199 11.42 -11.53 11.27
C PHE A 199 11.18 -11.68 9.78
N HIS A 200 10.98 -12.92 9.35
CA HIS A 200 10.89 -13.23 7.94
C HIS A 200 9.46 -13.06 7.41
N ASP A 201 9.36 -12.71 6.13
CA ASP A 201 8.09 -12.57 5.40
CA ASP A 201 8.08 -12.62 5.44
C ASP A 201 7.07 -11.75 6.18
N MET A 202 7.49 -10.58 6.65
CA MET A 202 6.57 -9.69 7.32
C MET A 202 7.18 -8.30 7.36
N ALA A 203 6.31 -7.32 7.61
CA ALA A 203 6.70 -5.94 7.88
C ALA A 203 6.27 -5.57 9.29
N ILE A 204 7.04 -4.70 9.93
CA ILE A 204 6.79 -4.26 11.30
C ILE A 204 6.27 -2.83 11.23
N ASN A 205 5.02 -2.63 11.64
CA ASN A 205 4.38 -1.32 11.59
C ASN A 205 4.19 -0.83 13.02
N CYS A 206 4.82 0.29 13.34
CA CYS A 206 4.72 0.91 14.65
C CYS A 206 3.81 2.13 14.53
N PHE A 207 2.91 2.31 15.50
CA PHE A 207 1.90 3.35 15.34
C PHE A 207 1.64 4.06 16.66
N ALA A 208 1.07 5.27 16.55
CA ALA A 208 0.69 6.07 17.71
C ALA A 208 -0.34 7.09 17.25
N GLY A 209 -1.13 7.59 18.18
CA GLY A 209 -2.13 8.59 17.82
C GLY A 209 -3.34 8.50 18.73
N ALA A 210 -4.46 9.00 18.21
CA ALA A 210 -5.71 9.04 18.97
C ALA A 210 -6.86 9.43 18.06
N GLY A 211 -8.05 8.94 18.39
CA GLY A 211 -9.22 9.36 17.64
C GLY A 211 -9.12 8.98 16.18
N ARG A 212 -9.31 9.98 15.32
CA ARG A 212 -9.26 9.82 13.89
C ARG A 212 -7.84 9.82 13.32
N ARG A 213 -6.85 10.34 14.04
CA ARG A 213 -5.56 10.68 13.46
C ARG A 213 -4.45 9.84 14.06
N TRP A 214 -3.76 9.09 13.21
CA TRP A 214 -2.72 8.16 13.61
C TRP A 214 -1.47 8.41 12.78
N ARG A 215 -0.34 8.06 13.37
CA ARG A 215 0.96 8.10 12.73
C ARG A 215 1.52 6.68 12.71
N SER A 216 2.27 6.36 11.66
CA SER A 216 2.86 5.04 11.51
CA SER A 216 2.89 5.05 11.59
C SER A 216 4.27 5.15 10.97
N ARG A 217 5.07 4.13 11.28
CA ARG A 217 6.38 3.90 10.68
C ARG A 217 6.46 2.42 10.38
N MET A 218 6.97 2.05 9.21
CA MET A 218 7.07 0.65 8.81
C MET A 218 8.52 0.30 8.49
N PHE A 219 8.97 -0.84 9.02
CA PHE A 219 10.33 -1.35 8.81
C PHE A 219 10.20 -2.78 8.31
N SER A 220 10.92 -3.14 7.26
CA SER A 220 10.86 -4.52 6.77
C SER A 220 12.09 -4.99 6.05
N PRO A 221 13.06 -5.57 6.77
CA PRO A 221 14.13 -6.28 6.06
C PRO A 221 13.62 -7.33 5.10
N ALA A 222 12.56 -8.06 5.47
CA ALA A 222 12.07 -9.14 4.62
C ALA A 222 11.61 -8.62 3.26
N TYR A 223 10.99 -7.44 3.24
CA TYR A 223 10.48 -6.85 2.01
C TYR A 223 11.45 -5.84 1.42
N GLY A 224 12.69 -5.83 1.90
CA GLY A 224 13.76 -5.08 1.28
C GLY A 224 13.72 -3.59 1.51
N VAL A 225 13.15 -3.13 2.63
CA VAL A 225 13.01 -1.70 2.87
C VAL A 225 13.38 -1.41 4.32
N VAL A 226 14.36 -0.53 4.51
CA VAL A 226 14.75 -0.14 5.87
C VAL A 226 13.56 0.50 6.56
N GLU A 227 12.96 1.49 5.91
CA GLU A 227 11.75 2.14 6.41
C GLU A 227 10.94 2.59 5.19
N ASP A 228 9.68 2.15 5.14
CA ASP A 228 8.82 2.44 4.00
C ASP A 228 8.08 3.75 4.18
N ALA A 229 7.83 4.45 3.07
CA ALA A 229 7.14 5.73 3.12
C ALA A 229 5.63 5.58 3.36
N ALA A 230 4.99 4.65 2.67
CA ALA A 230 3.54 4.51 2.71
C ALA A 230 3.19 3.06 2.43
N THR A 231 2.77 2.34 3.46
CA THR A 231 2.52 0.91 3.35
C THR A 231 1.01 0.73 3.21
N GLY A 232 0.54 0.87 1.97
CA GLY A 232 -0.89 0.87 1.76
C GLY A 232 -1.59 -0.42 2.16
N SER A 233 -0.91 -1.55 2.00
CA SER A 233 -1.49 -2.83 2.42
C SER A 233 -1.58 -2.98 3.93
N ALA A 234 -0.93 -2.11 4.70
CA ALA A 234 -1.04 -2.13 6.16
C ALA A 234 -2.15 -1.23 6.69
N ALA A 235 -2.67 -0.33 5.85
CA ALA A 235 -3.62 0.65 6.32
C ALA A 235 -4.96 0.01 6.70
N GLY A 236 -5.43 -0.94 5.90
CA GLY A 236 -6.66 -1.64 6.20
C GLY A 236 -6.54 -2.43 7.49
N PRO A 237 -5.50 -3.27 7.59
CA PRO A 237 -5.23 -3.96 8.87
C PRO A 237 -5.14 -3.04 10.06
N LEU A 238 -4.50 -1.88 9.94
CA LEU A 238 -4.42 -0.99 11.10
C LEU A 238 -5.80 -0.53 11.53
N ALA A 239 -6.67 -0.17 10.58
CA ALA A 239 -8.04 0.21 10.94
C ALA A 239 -8.74 -0.90 11.70
N ILE A 240 -8.55 -2.16 11.26
CA ILE A 240 -9.16 -3.28 11.97
C ILE A 240 -8.58 -3.41 13.37
N HIS A 241 -7.25 -3.26 13.49
CA HIS A 241 -6.57 -3.38 14.77
C HIS A 241 -7.08 -2.34 15.76
N LEU A 242 -7.19 -1.09 15.30
CA LEU A 242 -7.65 0.00 16.15
C LEU A 242 -9.10 -0.21 16.58
N ALA A 243 -9.94 -0.74 15.69
CA ALA A 243 -11.34 -1.00 16.04
C ALA A 243 -11.45 -2.15 17.02
N ARG A 244 -10.74 -3.24 16.74
CA ARG A 244 -10.78 -4.38 17.66
C ARG A 244 -10.37 -3.96 19.06
N HIS A 245 -9.35 -3.11 19.17
CA HIS A 245 -8.80 -2.72 20.45
C HIS A 245 -9.38 -1.42 20.97
N GLY A 246 -10.53 -1.01 20.45
CA GLY A 246 -11.36 -0.05 21.15
C GLY A 246 -11.00 1.39 20.93
N GLN A 247 -10.13 1.69 19.97
CA GLN A 247 -9.68 3.06 19.77
C GLN A 247 -10.52 3.82 18.76
N ILE A 248 -11.16 3.10 17.84
CA ILE A 248 -12.14 3.63 16.89
C ILE A 248 -13.25 2.59 16.83
N GLU A 249 -14.35 2.94 16.16
CA GLU A 249 -15.39 1.98 15.85
C GLU A 249 -15.19 1.40 14.45
N PHE A 250 -15.71 0.19 14.25
CA PHE A 250 -15.85 -0.31 12.90
C PHE A 250 -16.72 0.66 12.14
N GLY A 251 -16.34 0.92 10.89
CA GLY A 251 -17.06 1.84 10.03
C GLY A 251 -16.59 3.27 10.15
N GLN A 252 -15.65 3.57 11.05
N GLN A 252 -15.65 3.56 11.02
CA GLN A 252 -15.09 4.91 11.25
CA GLN A 252 -15.17 4.93 11.16
C GLN A 252 -13.85 5.05 10.38
C GLN A 252 -13.85 5.09 10.42
N PRO A 253 -13.73 6.08 9.55
CA PRO A 253 -12.50 6.25 8.80
C PRO A 253 -11.40 6.80 9.70
N VAL A 254 -10.18 6.36 9.43
N VAL A 254 -10.17 6.45 9.34
CA VAL A 254 -9.01 6.90 10.09
CA VAL A 254 -8.98 6.82 10.09
C VAL A 254 -8.08 7.51 9.06
C VAL A 254 -7.94 7.37 9.12
N GLU A 255 -7.28 8.45 9.52
CA GLU A 255 -6.20 9.04 8.76
C GLU A 255 -4.90 8.51 9.36
N ILE A 256 -4.03 7.96 8.50
CA ILE A 256 -2.75 7.38 8.91
C ILE A 256 -1.65 8.13 8.17
N LEU A 257 -0.83 8.86 8.90
CA LEU A 257 0.28 9.61 8.32
C LEU A 257 1.56 8.83 8.58
N GLN A 258 2.22 8.43 7.50
CA GLN A 258 3.41 7.59 7.57
C GLN A 258 4.56 8.34 6.89
N GLY A 259 5.79 7.95 7.22
CA GLY A 259 6.95 8.43 6.47
C GLY A 259 7.45 9.81 6.84
N VAL A 260 6.96 10.39 7.93
CA VAL A 260 7.34 11.76 8.27
C VAL A 260 8.82 11.83 8.63
N GLU A 261 9.28 10.89 9.45
CA GLU A 261 10.65 10.94 9.96
C GLU A 261 11.67 10.77 8.84
N ILE A 262 11.32 10.06 7.76
CA ILE A 262 12.22 9.85 6.64
C ILE A 262 12.00 10.87 5.52
N GLY A 263 11.17 11.88 5.73
CA GLY A 263 11.00 12.91 4.73
C GLY A 263 10.18 12.50 3.53
N ARG A 264 9.30 11.51 3.67
CA ARG A 264 8.36 11.11 2.63
C ARG A 264 6.96 11.03 3.23
N PRO A 265 6.43 12.14 3.72
CA PRO A 265 5.11 12.10 4.37
C PRO A 265 4.06 11.57 3.41
N SER A 266 3.23 10.69 3.93
CA SER A 266 2.26 9.94 3.14
C SER A 266 0.98 9.83 3.93
N LEU A 267 -0.13 10.21 3.33
CA LEU A 267 -1.42 10.20 4.02
CA LEU A 267 -1.42 10.21 4.02
C LEU A 267 -2.28 9.09 3.45
N MET A 268 -2.61 8.13 4.31
CA MET A 268 -3.47 7.02 3.94
C MET A 268 -4.75 7.12 4.74
N PHE A 269 -5.88 6.84 4.10
CA PHE A 269 -7.16 6.79 4.77
C PHE A 269 -7.67 5.37 4.71
N ALA A 270 -8.31 4.91 5.79
CA ALA A 270 -8.74 3.54 5.84
C ALA A 270 -10.02 3.42 6.65
N LYS A 271 -10.82 2.42 6.31
CA LYS A 271 -12.06 2.13 7.02
C LYS A 271 -12.32 0.64 6.90
N ALA A 272 -12.78 0.02 7.98
CA ALA A 272 -13.13 -1.39 7.98
C ALA A 272 -14.56 -1.51 8.47
N GLU A 273 -15.44 -2.02 7.62
CA GLU A 273 -16.86 -2.12 7.91
C GLU A 273 -17.23 -3.51 8.41
N GLY A 274 -18.18 -3.55 9.34
CA GLY A 274 -18.69 -4.77 9.89
C GLY A 274 -18.33 -4.91 11.35
N ARG A 275 -17.83 -6.09 11.72
CA ARG A 275 -17.31 -6.37 13.05
C ARG A 275 -16.17 -7.37 12.85
N ALA A 276 -15.38 -7.61 13.90
CA ALA A 276 -14.18 -8.40 13.72
C ALA A 276 -14.50 -9.78 13.14
N GLU A 277 -15.62 -10.37 13.58
CA GLU A 277 -15.99 -11.72 13.20
C GLU A 277 -16.65 -11.77 11.83
N GLN A 278 -17.07 -10.62 11.31
CA GLN A 278 -17.73 -10.58 10.02
C GLN A 278 -17.43 -9.20 9.40
N LEU A 279 -16.23 -9.06 8.86
CA LEU A 279 -15.86 -7.87 8.13
C LEU A 279 -16.47 -7.93 6.74
N THR A 280 -17.10 -6.83 6.32
CA THR A 280 -17.75 -6.81 5.02
C THR A 280 -16.98 -6.02 3.97
N ARG A 281 -16.16 -5.07 4.38
N ARG A 281 -16.15 -5.06 4.37
CA ARG A 281 -15.42 -4.25 3.43
CA ARG A 281 -15.42 -4.26 3.39
C ARG A 281 -14.22 -3.68 4.16
C ARG A 281 -14.27 -3.55 4.08
N VAL A 282 -13.11 -3.55 3.44
CA VAL A 282 -11.94 -2.83 3.91
C VAL A 282 -11.55 -1.89 2.78
N GLU A 283 -11.60 -0.58 3.05
CA GLU A 283 -11.32 0.42 2.04
CA GLU A 283 -11.34 0.45 2.06
C GLU A 283 -10.10 1.23 2.47
N VAL A 284 -9.24 1.52 1.49
CA VAL A 284 -8.08 2.38 1.66
C VAL A 284 -8.08 3.38 0.53
N SER A 285 -7.80 4.64 0.85
CA SER A 285 -7.80 5.68 -0.16
CA SER A 285 -7.83 5.71 -0.13
C SER A 285 -6.63 6.63 0.06
N GLY A 286 -6.32 7.37 -0.99
CA GLY A 286 -5.25 8.35 -0.90
C GLY A 286 -5.17 9.16 -2.18
N ASN A 287 -4.44 10.26 -2.07
CA ASN A 287 -4.08 11.05 -3.23
C ASN A 287 -2.94 10.38 -3.98
N GLY A 288 -2.74 10.80 -5.23
CA GLY A 288 -1.53 10.47 -5.94
C GLY A 288 -1.22 11.58 -6.93
N VAL A 289 0.05 11.67 -7.32
CA VAL A 289 0.53 12.75 -8.18
C VAL A 289 1.61 12.20 -9.09
N THR A 290 1.66 12.72 -10.32
CA THR A 290 2.67 12.30 -11.28
C THR A 290 3.99 13.02 -10.99
N PHE A 291 5.05 12.24 -10.76
CA PHE A 291 6.40 12.77 -10.64
C PHE A 291 7.09 12.90 -12.01
N GLY A 292 6.89 11.91 -12.88
CA GLY A 292 7.52 11.94 -14.18
C GLY A 292 6.84 11.02 -15.16
N ARG A 293 7.18 11.21 -16.44
CA ARG A 293 6.59 10.47 -17.55
C ARG A 293 7.72 10.17 -18.53
N GLY A 294 7.72 8.98 -19.11
CA GLY A 294 8.76 8.68 -20.07
C GLY A 294 8.42 7.52 -20.97
N THR A 295 9.43 7.11 -21.73
CA THR A 295 9.31 5.99 -22.67
CA THR A 295 9.30 6.00 -22.66
C THR A 295 10.57 5.16 -22.58
N ILE A 296 10.41 3.84 -22.59
CA ILE A 296 11.54 2.92 -22.63
C ILE A 296 11.64 2.32 -24.02
N VAL A 297 12.84 1.81 -24.34
CA VAL A 297 13.18 1.44 -25.71
C VAL A 297 12.84 0.00 -26.04
N LEU A 298 12.14 -0.69 -25.15
CA LEU A 298 11.70 -2.04 -25.48
C LEU A 298 10.35 -2.27 -24.84
C FMT B . 17.31 -1.16 19.13
O1 FMT B . 18.07 -0.20 18.99
O2 FMT B . 17.59 -2.12 19.84
H FMT B . 16.35 -1.17 18.61
C ACT C . -11.23 -8.02 -3.13
O ACT C . -12.28 -8.66 -3.33
OXT ACT C . -11.09 -6.79 -2.80
CH3 ACT C . -9.90 -8.80 -3.24
H1 ACT C . -10.08 -9.75 -3.30
H2 ACT C . -9.42 -8.52 -4.04
H3 ACT C . -9.34 -8.63 -2.46
N1 A1IAY D . 5.80 -3.18 -1.00
C4 A1IAY D . 4.46 -7.14 -0.50
C5 A1IAY D . 4.02 -8.55 -0.38
C6 A1IAY D . 4.82 -9.51 0.24
C7 A1IAY D . 4.41 -10.84 0.31
C8 A1IAY D . 3.21 -11.24 -0.25
C10 A1IAY D . 2.83 -8.96 -0.98
C13 A1IAY D . 2.84 -3.71 -0.69
C1 A1IAY D . 5.31 -4.45 -0.84
C11 A1IAY D . 3.55 -6.09 -0.52
C12 A1IAY D . 3.94 -4.75 -0.68
C2 A1IAY D . 6.23 -5.51 -0.82
C3 A1IAY D . 5.81 -6.82 -0.65
C9 A1IAY D . 2.42 -10.31 -0.90
O1 A1IAY D . 1.23 -10.69 -1.44
O2 A1IAY D . 1.70 -4.04 -0.27
O3 A1IAY D . 3.10 -2.56 -1.10
H2 A1IAY D . 6.66 -3.05 -1.10
H1 A1IAY D . 5.25 -2.50 -1.02
H5 A1IAY D . 5.65 -9.26 0.61
H6 A1IAY D . 4.96 -11.47 0.75
H7 A1IAY D . 2.95 -12.14 -0.20
H9 A1IAY D . 2.29 -8.33 -1.43
H10 A1IAY D . 2.63 -6.29 -0.41
H3 A1IAY D . 7.17 -5.33 -0.91
H4 A1IAY D . 6.45 -7.51 -0.64
H8 A1IAY D . 0.94 -11.39 -1.07
#